data_7C3O
#
_entry.id   7C3O
#
_cell.length_a   51.754
_cell.length_b   70.036
_cell.length_c   54.559
_cell.angle_alpha   90.000
_cell.angle_beta   114.316
_cell.angle_gamma   90.000
#
_symmetry.space_group_name_H-M   'P 1 21 1'
#
loop_
_entity.id
_entity.type
_entity.pdbx_description
1 polymer 'Histone acetyltransferase RTT109'
2 non-polymer 'ACETYL COENZYME *A'
3 non-polymer GLYCEROL
4 non-polymer DI(HYDROXYETHYL)ETHER
5 water water
#
_entity_poly.entity_id   1
_entity_poly.type   'polypeptide(L)'
_entity_poly.pdbx_seq_one_letter_code
;MLPPDILQNGEFETIYFQTNPTYIKSPIHIPKSTIGKPDTVKIRHFFALLHQDLVVLGLEVFVYLQIYSDFVEKYVYVSK
CDTVGLEKSTIKIGKVIGPVLQYIINYNGYKIKMKNLDEKSKDLSDPSTLVRLQRLRDKLPDIYPNLPYYNDIPPKEECI
EYRTLPKTQNLRLCVFTKPAKEYLFPNSAKNPYKNLLNGQSLLRWWISIIDSITKGWNNHKLMIPGADKWATRKFIEKYS
DWSEGHIFKKDGLAVQAIPLFPDDP(ALY)GRFLELVIVECRYGKMTVSRFYQELAYRQEFLLGDCVSLIGCCKENLEVT
YHDDLVSTVTISEYKEFMNLLKLVDFSDRVEVSNFVSNYRKSK
;
_entity_poly.pdbx_strand_id   A
#
loop_
_chem_comp.id
_chem_comp.type
_chem_comp.name
_chem_comp.formula
ACO non-polymer 'ACETYL COENZYME *A' 'C23 H38 N7 O17 P3 S'
GOL non-polymer GLYCEROL 'C3 H8 O3'
PEG non-polymer DI(HYDROXYETHYL)ETHER 'C4 H10 O3'
#
# COMPACT_ATOMS: atom_id res chain seq x y z
N MET A 1 7.84 14.72 6.39
CA MET A 1 7.89 13.42 5.67
C MET A 1 9.15 12.66 6.07
N LEU A 2 10.33 13.27 5.89
CA LEU A 2 11.61 12.60 6.26
C LEU A 2 12.38 13.45 7.27
N PRO A 3 12.81 12.89 8.42
CA PRO A 3 13.56 13.63 9.44
C PRO A 3 15.04 13.86 9.11
N PRO A 4 15.65 15.00 9.52
CA PRO A 4 17.07 15.28 9.30
C PRO A 4 17.97 14.38 10.17
N ASP A 5 17.42 13.92 11.30
CA ASP A 5 18.19 13.11 12.29
C ASP A 5 18.74 11.86 11.60
N ILE A 6 17.97 11.19 10.74
CA ILE A 6 18.54 9.97 10.11
C ILE A 6 19.77 10.37 9.29
N LEU A 7 19.63 11.38 8.42
CA LEU A 7 20.73 11.94 7.58
C LEU A 7 20.30 13.26 6.92
N GLN A 8 21.20 14.21 6.67
CA GLN A 8 20.66 15.53 6.23
C GLN A 8 21.66 16.40 5.49
N ASN A 9 22.76 15.85 4.97
CA ASN A 9 23.75 16.72 4.28
C ASN A 9 23.14 17.41 3.04
N GLY A 10 22.28 16.68 2.32
CA GLY A 10 21.68 17.12 1.05
C GLY A 10 22.06 16.03 0.08
N GLU A 11 22.75 15.06 0.68
CA GLU A 11 23.28 13.81 0.07
C GLU A 11 22.09 13.00 -0.48
N PHE A 12 21.00 12.97 0.27
CA PHE A 12 19.77 12.23 -0.14
C PHE A 12 18.68 13.23 -0.56
N GLU A 13 17.96 12.91 -1.62
CA GLU A 13 16.80 13.69 -2.00
C GLU A 13 15.66 12.76 -2.29
N THR A 14 14.46 13.32 -2.38
CA THR A 14 13.28 12.49 -2.55
C THR A 14 12.61 12.77 -3.87
N ILE A 15 12.01 11.72 -4.42
CA ILE A 15 11.02 11.85 -5.46
C ILE A 15 9.69 11.56 -4.78
N TYR A 16 8.73 12.47 -4.90
CA TYR A 16 7.40 12.23 -4.33
C TYR A 16 6.31 12.97 -5.11
N PHE A 17 5.30 12.24 -5.57
CA PHE A 17 4.18 12.88 -6.25
C PHE A 17 2.93 12.06 -6.10
N GLN A 18 1.79 12.72 -6.25
CA GLN A 18 0.49 12.06 -6.23
C GLN A 18 -0.19 12.21 -7.57
N THR A 19 -1.13 11.32 -7.88
CA THR A 19 -2.04 11.64 -8.97
C THR A 19 -3.05 12.67 -8.47
N ASN A 20 -3.61 13.45 -9.39
CA ASN A 20 -4.80 14.21 -9.06
C ASN A 20 -5.89 13.24 -8.59
N PRO A 21 -6.59 13.59 -7.50
CA PRO A 21 -7.64 12.71 -6.97
C PRO A 21 -8.71 12.42 -8.03
N THR A 22 -9.01 11.14 -8.21
CA THR A 22 -9.85 10.72 -9.35
C THR A 22 -10.97 9.81 -8.84
N TYR A 23 -12.21 10.10 -9.24
CA TYR A 23 -13.35 9.26 -8.87
C TYR A 23 -13.26 7.93 -9.60
N ILE A 24 -13.47 6.85 -8.87
CA ILE A 24 -13.54 5.52 -9.48
C ILE A 24 -14.75 4.77 -8.94
N LYS A 25 -15.09 3.65 -9.56
CA LYS A 25 -16.13 2.80 -9.00
C LYS A 25 -15.57 2.16 -7.73
N SER A 26 -16.43 1.88 -6.75
CA SER A 26 -15.98 1.31 -5.47
C SER A 26 -15.21 0.00 -5.65
N PRO A 27 -14.06 -0.14 -4.98
CA PRO A 27 -13.28 -1.39 -4.99
C PRO A 27 -13.97 -2.48 -4.17
N ILE A 28 -14.94 -2.08 -3.35
CA ILE A 28 -15.86 -3.00 -2.68
C ILE A 28 -17.22 -2.93 -3.34
N HIS A 29 -17.73 -4.07 -3.80
CA HIS A 29 -19.04 -4.07 -4.44
C HIS A 29 -20.15 -3.64 -3.50
N ILE A 30 -20.83 -2.56 -3.89
CA ILE A 30 -21.99 -2.01 -3.13
C ILE A 30 -23.24 -2.46 -3.88
N PRO A 31 -24.24 -3.08 -3.21
CA PRO A 31 -25.44 -3.53 -3.92
C PRO A 31 -26.16 -2.33 -4.55
N LYS A 32 -26.73 -2.54 -5.74
CA LYS A 32 -27.42 -1.46 -6.48
C LYS A 32 -28.54 -0.88 -5.63
N SER A 33 -29.32 -1.74 -4.96
CA SER A 33 -30.43 -1.27 -4.11
C SER A 33 -29.93 -0.97 -2.68
N THR A 34 -29.00 -0.03 -2.53
CA THR A 34 -28.51 0.36 -1.17
C THR A 34 -28.57 1.88 -1.03
N ILE A 35 -29.10 2.37 0.09
CA ILE A 35 -29.19 3.84 0.31
C ILE A 35 -27.83 4.35 0.80
N GLY A 36 -27.59 5.65 0.68
CA GLY A 36 -26.33 6.28 1.12
C GLY A 36 -25.11 5.68 0.44
N LYS A 37 -25.18 5.39 -0.86
CA LYS A 37 -24.01 4.84 -1.58
C LYS A 37 -22.90 5.89 -1.54
N PRO A 38 -21.63 5.51 -1.33
CA PRO A 38 -20.56 6.49 -1.26
C PRO A 38 -19.88 6.74 -2.62
N ASP A 39 -19.25 7.91 -2.76
CA ASP A 39 -18.42 8.21 -3.90
C ASP A 39 -17.01 7.74 -3.57
N THR A 40 -16.29 7.18 -4.54
CA THR A 40 -14.96 6.70 -4.25
C THR A 40 -13.91 7.52 -4.98
N VAL A 41 -12.93 8.00 -4.24
CA VAL A 41 -11.87 8.82 -4.81
C VAL A 41 -10.54 8.13 -4.58
N LYS A 42 -9.73 7.98 -5.63
CA LYS A 42 -8.47 7.28 -5.53
C LYS A 42 -7.30 8.22 -5.78
N ILE A 43 -6.27 8.10 -4.96
CA ILE A 43 -5.03 8.83 -5.16
C ILE A 43 -3.84 7.87 -5.15
N ARG A 44 -3.01 7.92 -6.18
CA ARG A 44 -1.78 7.13 -6.20
C ARG A 44 -0.65 7.97 -5.63
N HIS A 45 0.18 7.38 -4.77
CA HIS A 45 1.36 8.03 -4.18
C HIS A 45 2.60 7.27 -4.61
N PHE A 46 3.57 7.95 -5.21
CA PHE A 46 4.87 7.32 -5.46
C PHE A 46 5.97 8.04 -4.72
N PHE A 47 6.77 7.29 -3.98
CA PHE A 47 7.92 7.83 -3.27
C PHE A 47 9.18 7.04 -3.64
N ALA A 48 10.26 7.75 -3.90
CA ALA A 48 11.58 7.13 -3.96
C ALA A 48 12.59 7.98 -3.22
N LEU A 49 13.54 7.30 -2.58
CA LEU A 49 14.69 7.95 -1.97
C LEU A 49 15.87 7.88 -2.92
N LEU A 50 16.54 9.02 -3.09
CA LEU A 50 17.73 9.10 -3.93
C LEU A 50 18.93 9.36 -3.06
N HIS A 51 20.05 8.74 -3.42
CA HIS A 51 21.33 9.10 -2.83
C HIS A 51 22.27 9.46 -3.95
N GLN A 52 22.70 10.72 -3.97
CA GLN A 52 23.44 11.27 -5.12
C GLN A 52 22.57 11.10 -6.37
N ASP A 53 23.09 10.38 -7.37
CA ASP A 53 22.35 10.17 -8.61
C ASP A 53 21.65 8.83 -8.68
N LEU A 54 21.64 8.08 -7.58
CA LEU A 54 21.10 6.72 -7.61
C LEU A 54 19.84 6.57 -6.78
N VAL A 55 18.91 5.74 -7.28
CA VAL A 55 17.72 5.39 -6.52
C VAL A 55 18.09 4.35 -5.45
N VAL A 56 17.57 4.54 -4.25
CA VAL A 56 17.85 3.68 -3.11
C VAL A 56 16.70 2.72 -2.84
N LEU A 57 15.49 3.28 -2.83
CA LEU A 57 14.30 2.50 -2.52
C LEU A 57 13.09 3.20 -3.12
N GLY A 58 11.99 2.47 -3.22
CA GLY A 58 10.75 3.03 -3.72
C GLY A 58 9.55 2.46 -2.99
N LEU A 59 8.47 3.24 -2.94
CA LEU A 59 7.26 2.83 -2.26
C LEU A 59 6.06 3.40 -3.00
N GLU A 60 5.14 2.53 -3.35
CA GLU A 60 3.92 2.97 -4.01
C GLU A 60 2.73 2.65 -3.11
N VAL A 61 1.86 3.64 -2.88
CA VAL A 61 0.71 3.47 -1.99
C VAL A 61 -0.51 4.07 -2.66
N PHE A 62 -1.64 3.35 -2.61
CA PHE A 62 -2.90 3.86 -3.14
C PHE A 62 -3.82 4.19 -1.97
N VAL A 63 -4.45 5.35 -2.04
CA VAL A 63 -5.41 5.76 -1.01
C VAL A 63 -6.79 5.83 -1.63
N TYR A 64 -7.77 5.21 -0.99
CA TYR A 64 -9.15 5.22 -1.46
C TYR A 64 -9.98 5.91 -0.42
N LEU A 65 -10.72 6.94 -0.85
CA LEU A 65 -11.66 7.62 0.03
C LEU A 65 -13.09 7.23 -0.33
N GLN A 66 -13.75 6.48 0.55
CA GLN A 66 -15.17 6.17 0.38
C GLN A 66 -15.90 7.25 1.10
N ILE A 67 -16.45 8.20 0.36
CA ILE A 67 -17.03 9.39 0.98
C ILE A 67 -18.52 9.23 1.17
N TYR A 68 -18.94 9.19 2.44
CA TYR A 68 -20.35 9.17 2.79
C TYR A 68 -20.77 10.59 3.21
N SER A 69 -22.03 10.76 3.61
CA SER A 69 -22.52 12.09 4.00
C SER A 69 -21.78 12.66 5.21
N ASP A 70 -21.56 11.80 6.19
CA ASP A 70 -21.09 12.21 7.50
C ASP A 70 -19.72 11.66 7.86
N PHE A 71 -19.16 10.82 6.99
CA PHE A 71 -17.85 10.25 7.27
C PHE A 71 -17.18 9.70 6.03
N VAL A 72 -15.89 9.41 6.17
CA VAL A 72 -15.12 8.81 5.09
C VAL A 72 -14.58 7.46 5.56
N GLU A 73 -14.74 6.44 4.72
CA GLU A 73 -14.01 5.18 4.91
C GLU A 73 -12.76 5.27 4.05
N LYS A 74 -11.60 5.35 4.71
CA LYS A 74 -10.35 5.66 4.02
C LYS A 74 -9.43 4.45 4.04
N TYR A 75 -9.21 3.86 2.86
CA TYR A 75 -8.34 2.69 2.75
C TYR A 75 -6.97 3.08 2.23
N VAL A 76 -5.93 2.61 2.90
CA VAL A 76 -4.57 2.89 2.48
C VAL A 76 -3.94 1.55 2.14
N TYR A 77 -3.60 1.38 0.86
CA TYR A 77 -3.14 0.10 0.35
C TYR A 77 -1.70 0.20 -0.10
N VAL A 78 -0.80 -0.56 0.53
CA VAL A 78 0.57 -0.56 0.04
C VAL A 78 0.64 -1.41 -1.24
N SER A 79 0.98 -0.77 -2.35
CA SER A 79 1.05 -1.44 -3.63
C SER A 79 2.38 -2.16 -3.81
N LYS A 80 3.47 -1.40 -3.67
CA LYS A 80 4.80 -1.96 -3.93
C LYS A 80 5.84 -1.33 -3.01
N CYS A 81 6.82 -2.14 -2.62
CA CYS A 81 7.95 -1.68 -1.83
C CYS A 81 9.20 -2.43 -2.31
N ASP A 82 10.27 -1.72 -2.58
CA ASP A 82 11.44 -2.34 -3.19
C ASP A 82 12.71 -1.53 -2.97
N THR A 83 13.86 -2.19 -3.12
CA THR A 83 15.16 -1.55 -2.97
C THR A 83 16.04 -1.86 -4.16
N VAL A 84 17.09 -1.06 -4.33
CA VAL A 84 17.96 -1.17 -5.49
C VAL A 84 19.26 -1.92 -5.14
N GLY A 85 19.94 -1.43 -4.10
CA GLY A 85 21.15 -2.07 -3.60
C GLY A 85 22.41 -1.90 -4.44
N LEU A 86 22.50 -0.79 -5.16
CA LEU A 86 23.73 -0.53 -5.94
C LEU A 86 24.89 -0.08 -5.04
N GLU A 87 24.56 0.45 -3.87
CA GLU A 87 25.57 0.95 -2.93
C GLU A 87 25.45 0.28 -1.58
N LYS A 88 26.52 0.30 -0.79
CA LYS A 88 26.44 -0.16 0.58
C LYS A 88 25.40 0.68 1.31
N SER A 89 24.51 0.00 2.02
CA SER A 89 23.40 0.67 2.69
C SER A 89 23.92 1.52 3.84
N THR A 90 23.61 2.81 3.80
CA THR A 90 24.03 3.72 4.86
C THR A 90 22.89 3.96 5.84
N ILE A 91 21.70 3.47 5.50
CA ILE A 91 20.51 3.64 6.32
C ILE A 91 19.63 2.39 6.33
N LYS A 92 18.86 2.21 7.40
CA LYS A 92 17.91 1.12 7.45
C LYS A 92 16.65 1.47 6.67
N ILE A 93 16.35 0.65 5.67
CA ILE A 93 15.23 0.88 4.77
C ILE A 93 13.92 1.07 5.54
N GLY A 94 13.71 0.21 6.54
CA GLY A 94 12.50 0.26 7.34
C GLY A 94 12.28 1.60 8.00
N LYS A 95 13.35 2.31 8.32
CA LYS A 95 13.23 3.59 9.02
C LYS A 95 12.95 4.76 8.07
N VAL A 96 12.87 4.48 6.78
CA VAL A 96 12.41 5.47 5.82
C VAL A 96 10.98 5.13 5.42
N ILE A 97 10.73 3.84 5.25
CA ILE A 97 9.42 3.35 4.84
C ILE A 97 8.36 3.72 5.88
N GLY A 98 8.66 3.47 7.15
CA GLY A 98 7.72 3.77 8.21
C GLY A 98 7.20 5.21 8.17
N PRO A 99 8.12 6.17 8.28
CA PRO A 99 7.74 7.59 8.23
C PRO A 99 7.01 8.00 6.95
N VAL A 100 7.46 7.52 5.80
CA VAL A 100 6.79 7.86 4.56
C VAL A 100 5.38 7.30 4.52
N LEU A 101 5.23 6.03 4.90
CA LEU A 101 3.91 5.43 4.92
C LEU A 101 2.99 6.14 5.93
N GLN A 102 3.53 6.51 7.09
CA GLN A 102 2.75 7.26 8.07
C GLN A 102 2.30 8.62 7.51
N TYR A 103 3.20 9.32 6.84
CA TYR A 103 2.85 10.57 6.15
C TYR A 103 1.71 10.38 5.14
N ILE A 104 1.83 9.34 4.33
CA ILE A 104 0.79 9.06 3.33
C ILE A 104 -0.56 8.71 3.96
N ILE A 105 -0.53 7.91 5.02
CA ILE A 105 -1.74 7.56 5.75
C ILE A 105 -2.42 8.83 6.24
N ASN A 106 -1.63 9.73 6.82
CA ASN A 106 -2.19 10.89 7.49
C ASN A 106 -2.42 12.10 6.56
N TYR A 107 -2.01 11.99 5.31
CA TYR A 107 -2.17 13.11 4.38
C TYR A 107 -3.65 13.43 4.15
N ASN A 108 -4.01 14.70 4.32
N ASN A 108 -4.01 14.70 4.33
CA ASN A 108 -5.38 15.14 4.10
CA ASN A 108 -5.38 15.15 4.10
C ASN A 108 -5.46 16.50 3.40
C ASN A 108 -5.42 16.53 3.44
N GLY A 109 -4.66 16.67 2.37
CA GLY A 109 -4.67 17.91 1.60
C GLY A 109 -5.07 17.66 0.15
N TYR A 110 -5.87 16.62 -0.08
CA TYR A 110 -6.29 16.31 -1.44
C TYR A 110 -7.20 17.40 -2.04
N LYS A 111 -6.99 17.72 -3.31
CA LYS A 111 -7.85 18.67 -4.00
C LYS A 111 -8.86 17.89 -4.83
N ILE A 112 -10.03 17.63 -4.26
CA ILE A 112 -11.02 16.75 -4.87
C ILE A 112 -12.09 17.56 -5.57
N LYS A 113 -12.25 17.32 -6.87
CA LYS A 113 -13.27 18.03 -7.64
C LYS A 113 -14.65 17.59 -7.18
N MET A 114 -15.63 18.47 -7.38
CA MET A 114 -17.03 18.15 -7.13
C MET A 114 -17.44 17.00 -8.03
N LYS A 115 -18.29 16.12 -7.51
CA LYS A 115 -18.88 15.04 -8.29
C LYS A 115 -19.89 15.62 -9.27
N ASN A 116 -19.89 15.11 -10.50
CA ASN A 116 -20.94 15.50 -11.45
C ASN A 116 -22.24 14.76 -11.17
N ILE A 160 -11.65 25.07 -9.90
CA ILE A 160 -12.35 26.25 -9.41
C ILE A 160 -13.02 25.98 -8.07
N GLU A 161 -13.74 24.85 -7.97
CA GLU A 161 -14.43 24.51 -6.73
C GLU A 161 -14.15 23.07 -6.31
N TYR A 162 -13.57 22.93 -5.14
CA TYR A 162 -13.23 21.62 -4.62
C TYR A 162 -14.21 21.18 -3.53
N ARG A 163 -14.42 19.86 -3.47
CA ARG A 163 -15.31 19.22 -2.52
C ARG A 163 -14.76 19.28 -1.11
N THR A 164 -15.62 19.55 -0.12
CA THR A 164 -15.18 19.44 1.27
C THR A 164 -15.56 18.07 1.85
N LEU A 165 -14.58 17.36 2.40
CA LEU A 165 -14.81 16.03 2.96
C LEU A 165 -15.36 16.11 4.38
N PRO A 166 -16.12 15.08 4.80
CA PRO A 166 -16.53 14.97 6.21
C PRO A 166 -15.33 14.92 7.12
N LYS A 167 -15.48 15.43 8.34
CA LYS A 167 -14.36 15.47 9.28
C LYS A 167 -14.10 14.13 9.96
N THR A 168 -15.10 13.25 9.97
CA THR A 168 -14.91 11.93 10.57
C THR A 168 -14.34 10.97 9.54
N GLN A 169 -13.17 10.39 9.83
CA GLN A 169 -12.60 9.35 8.97
C GLN A 169 -12.36 8.07 9.76
N ASN A 170 -12.65 6.95 9.12
CA ASN A 170 -12.28 5.65 9.64
C ASN A 170 -11.16 5.09 8.77
N LEU A 171 -9.99 4.88 9.36
CA LEU A 171 -8.82 4.45 8.60
C LEU A 171 -8.73 2.93 8.51
N ARG A 172 -8.31 2.44 7.34
CA ARG A 172 -8.01 1.02 7.14
C ARG A 172 -6.65 0.97 6.44
N LEU A 173 -5.70 0.27 7.04
CA LEU A 173 -4.41 0.09 6.41
C LEU A 173 -4.29 -1.37 5.96
N CYS A 174 -4.05 -1.59 4.67
CA CYS A 174 -3.99 -2.93 4.10
C CYS A 174 -2.66 -3.22 3.42
N VAL A 175 -1.99 -4.25 3.89
CA VAL A 175 -0.66 -4.58 3.41
C VAL A 175 -0.53 -6.08 3.20
N PHE A 176 -0.06 -6.51 2.02
CA PHE A 176 0.25 -7.93 1.90
C PHE A 176 1.76 -8.13 1.91
N THR A 177 2.23 -9.25 2.44
CA THR A 177 3.66 -9.49 2.40
C THR A 177 3.94 -10.71 1.54
N LYS A 178 4.85 -10.53 0.59
CA LYS A 178 5.19 -11.60 -0.35
C LYS A 178 6.57 -11.31 -0.90
N PRO A 179 7.53 -12.20 -0.60
CA PRO A 179 8.87 -11.87 -1.10
C PRO A 179 8.95 -12.08 -2.61
N ALA A 180 9.77 -11.27 -3.25
CA ALA A 180 10.04 -11.40 -4.67
C ALA A 180 11.38 -10.73 -4.88
N LYS A 181 12.10 -11.13 -5.93
CA LYS A 181 13.41 -10.51 -6.16
C LYS A 181 13.28 -9.01 -6.45
N GLU A 182 12.17 -8.63 -7.09
CA GLU A 182 11.96 -7.29 -7.64
C GLU A 182 10.47 -6.97 -7.68
N TYR A 183 10.11 -5.72 -7.39
CA TYR A 183 8.72 -5.26 -7.52
C TYR A 183 8.70 -4.00 -8.36
N LEU A 184 9.69 -3.16 -8.16
CA LEU A 184 9.75 -1.86 -8.80
C LEU A 184 10.99 -1.67 -9.66
N PHE A 185 12.07 -2.36 -9.32
CA PHE A 185 13.36 -2.09 -9.95
C PHE A 185 13.93 -3.30 -10.69
N PRO A 186 13.67 -3.40 -12.00
CA PRO A 186 14.11 -4.53 -12.83
C PRO A 186 15.60 -4.81 -12.75
N ASN A 187 15.93 -6.08 -12.52
CA ASN A 187 17.30 -6.59 -12.46
C ASN A 187 18.10 -6.16 -11.25
N SER A 188 17.44 -5.56 -10.25
CA SER A 188 18.16 -5.16 -9.06
C SER A 188 18.55 -6.35 -8.17
N ALA A 189 17.92 -7.50 -8.37
CA ALA A 189 18.24 -8.68 -7.55
C ALA A 189 19.69 -9.14 -7.76
N LYS A 190 20.29 -8.72 -8.87
CA LYS A 190 21.68 -9.07 -9.16
C LYS A 190 22.66 -8.20 -8.39
N ASN A 191 22.16 -7.12 -7.80
CA ASN A 191 23.03 -6.10 -7.20
C ASN A 191 23.67 -6.56 -5.89
N PRO A 192 24.94 -6.15 -5.68
CA PRO A 192 25.77 -6.66 -4.58
C PRO A 192 25.23 -6.30 -3.21
N TYR A 193 24.52 -5.19 -3.10
CA TYR A 193 24.06 -4.76 -1.78
C TYR A 193 22.55 -4.76 -1.67
N LYS A 194 21.87 -5.50 -2.55
CA LYS A 194 20.45 -5.66 -2.35
C LYS A 194 20.21 -6.83 -1.40
N ASN A 195 19.52 -6.55 -0.30
CA ASN A 195 19.23 -7.57 0.71
C ASN A 195 17.84 -8.13 0.50
N LEU A 196 17.76 -9.43 0.27
CA LEU A 196 16.47 -10.06 -0.03
C LEU A 196 15.95 -10.78 1.20
N LEU A 197 14.83 -10.33 1.74
CA LEU A 197 14.26 -11.00 2.90
C LEU A 197 13.44 -12.20 2.44
N ASN A 198 13.56 -13.34 3.12
CA ASN A 198 12.65 -14.43 2.84
C ASN A 198 11.28 -14.08 3.45
N GLY A 199 10.28 -14.91 3.24
CA GLY A 199 8.92 -14.57 3.61
C GLY A 199 8.69 -14.29 5.09
N GLN A 200 9.31 -15.09 5.96
N GLN A 200 9.29 -15.10 5.96
CA GLN A 200 9.08 -14.91 7.39
CA GLN A 200 9.08 -14.89 7.38
C GLN A 200 9.88 -13.71 7.93
C GLN A 200 9.83 -13.64 7.84
N SER A 201 11.04 -13.45 7.36
CA SER A 201 11.80 -12.24 7.71
C SER A 201 11.07 -10.98 7.23
N LEU A 202 10.53 -11.07 6.02
CA LEU A 202 9.78 -9.96 5.45
C LEU A 202 8.53 -9.63 6.26
N LEU A 203 7.83 -10.66 6.71
CA LEU A 203 6.63 -10.45 7.51
C LEU A 203 6.99 -9.78 8.84
N ARG A 204 8.01 -10.30 9.51
CA ARG A 204 8.45 -9.70 10.78
C ARG A 204 8.82 -8.23 10.59
N TRP A 205 9.46 -7.95 9.46
CA TRP A 205 9.88 -6.60 9.12
C TRP A 205 8.69 -5.66 8.99
N TRP A 206 7.68 -6.10 8.24
CA TRP A 206 6.48 -5.31 8.02
C TRP A 206 5.67 -5.14 9.30
N ILE A 207 5.61 -6.18 10.12
CA ILE A 207 4.89 -6.08 11.39
C ILE A 207 5.53 -5.00 12.26
N SER A 208 6.86 -5.01 12.33
CA SER A 208 7.56 -4.00 13.12
C SER A 208 7.28 -2.59 12.62
N ILE A 209 7.32 -2.40 11.30
CA ILE A 209 7.04 -1.10 10.70
C ILE A 209 5.62 -0.65 10.99
N ILE A 210 4.67 -1.50 10.66
CA ILE A 210 3.26 -1.16 10.79
C ILE A 210 2.88 -0.93 12.25
N ASP A 211 3.41 -1.73 13.17
CA ASP A 211 3.09 -1.54 14.58
C ASP A 211 3.52 -0.15 15.04
N SER A 212 4.66 0.32 14.55
CA SER A 212 5.20 1.59 15.02
C SER A 212 4.45 2.82 14.51
N ILE A 213 3.65 2.66 13.47
CA ILE A 213 2.92 3.80 12.91
C ILE A 213 1.39 3.65 13.07
N THR A 214 0.96 2.65 13.83
CA THR A 214 -0.47 2.47 14.10
C THR A 214 -0.69 2.35 15.60
N LYS A 215 0.14 3.06 16.36
CA LYS A 215 0.00 3.06 17.81
C LYS A 215 -1.37 3.58 18.21
N GLY A 216 -2.09 2.82 19.04
CA GLY A 216 -3.39 3.23 19.51
C GLY A 216 -4.54 2.94 18.55
N TRP A 217 -4.26 2.31 17.40
CA TRP A 217 -5.33 2.00 16.46
C TRP A 217 -6.25 0.93 17.06
N ASN A 218 -7.49 0.85 16.57
CA ASN A 218 -8.49 -0.04 17.17
C ASN A 218 -8.22 -1.52 16.99
N ASN A 219 -7.64 -1.89 15.85
CA ASN A 219 -7.15 -3.26 15.73
C ASN A 219 -5.96 -3.39 14.79
N HIS A 220 -5.29 -4.53 14.92
CA HIS A 220 -4.15 -4.86 14.09
C HIS A 220 -4.29 -6.34 13.77
N LYS A 221 -4.56 -6.68 12.52
CA LYS A 221 -4.90 -8.04 12.16
C LYS A 221 -3.86 -8.69 11.26
N LEU A 222 -3.55 -9.96 11.52
CA LEU A 222 -2.64 -10.72 10.68
C LEU A 222 -3.29 -12.03 10.25
N MET A 223 -3.26 -12.31 8.95
CA MET A 223 -3.62 -13.63 8.46
C MET A 223 -2.52 -14.22 7.60
N ILE A 224 -2.25 -15.49 7.77
CA ILE A 224 -1.29 -16.19 6.92
C ILE A 224 -2.04 -17.37 6.32
N PRO A 225 -2.69 -17.14 5.16
CA PRO A 225 -3.60 -18.18 4.65
C PRO A 225 -2.90 -19.51 4.49
N GLY A 226 -3.50 -20.55 5.07
CA GLY A 226 -2.95 -21.89 5.03
C GLY A 226 -2.11 -22.27 6.25
N ALA A 227 -1.76 -21.29 7.07
CA ALA A 227 -0.94 -21.56 8.25
C ALA A 227 -1.84 -21.86 9.43
N ASP A 228 -1.43 -22.81 10.27
CA ASP A 228 -2.23 -23.08 11.46
C ASP A 228 -2.12 -21.87 12.40
N LYS A 229 -3.09 -21.72 13.28
CA LYS A 229 -3.18 -20.49 14.08
C LYS A 229 -2.00 -20.32 15.03
N TRP A 230 -1.39 -21.42 15.45
CA TRP A 230 -0.22 -21.35 16.35
C TRP A 230 0.97 -20.75 15.60
N ALA A 231 1.14 -21.10 14.32
CA ALA A 231 2.23 -20.54 13.53
C ALA A 231 2.03 -19.05 13.31
N THR A 232 0.79 -18.64 13.08
CA THR A 232 0.50 -17.22 12.87
C THR A 232 0.69 -16.44 14.17
N ARG A 233 0.20 -17.01 15.28
CA ARG A 233 0.37 -16.40 16.59
C ARG A 233 1.83 -16.10 16.94
N LYS A 234 2.74 -16.96 16.49
CA LYS A 234 4.16 -16.78 16.84
C LYS A 234 4.71 -15.44 16.34
N PHE A 235 4.26 -15.00 15.18
CA PHE A 235 4.70 -13.71 14.63
C PHE A 235 4.22 -12.52 15.48
N ILE A 236 3.11 -12.66 16.19
CA ILE A 236 2.59 -11.50 16.91
C ILE A 236 2.57 -11.68 18.41
N GLU A 237 3.30 -12.66 18.92
CA GLU A 237 3.28 -12.93 20.36
C GLU A 237 3.84 -11.76 21.17
N LYS A 238 4.72 -10.97 20.55
CA LYS A 238 5.33 -9.84 21.26
C LYS A 238 4.61 -8.53 20.92
N TYR A 239 3.49 -8.64 20.23
CA TYR A 239 2.72 -7.46 19.85
C TYR A 239 1.34 -7.52 20.47
N SER A 240 1.18 -6.88 21.63
CA SER A 240 -0.01 -7.09 22.46
C SER A 240 -1.32 -6.68 21.76
N ASP A 241 -1.23 -5.72 20.83
CA ASP A 241 -2.40 -5.19 20.16
C ASP A 241 -2.75 -5.92 18.86
N TRP A 242 -2.00 -6.96 18.52
CA TRP A 242 -2.25 -7.71 17.29
C TRP A 242 -2.99 -9.03 17.56
N SER A 243 -3.84 -9.43 16.62
CA SER A 243 -4.58 -10.69 16.70
C SER A 243 -4.74 -11.29 15.32
N GLU A 244 -5.10 -12.57 15.27
CA GLU A 244 -5.25 -13.25 13.98
C GLU A 244 -6.57 -12.89 13.31
N GLY A 245 -6.58 -12.82 11.99
CA GLY A 245 -7.82 -12.57 11.28
C GLY A 245 -7.67 -11.47 10.24
N HIS A 246 -8.77 -10.75 9.98
CA HIS A 246 -8.73 -9.70 8.98
C HIS A 246 -9.65 -8.57 9.43
N ILE A 247 -9.57 -7.43 8.76
CA ILE A 247 -10.31 -6.26 9.22
C ILE A 247 -11.67 -6.07 8.56
N PHE A 248 -12.04 -6.94 7.63
CA PHE A 248 -13.25 -6.66 6.85
C PHE A 248 -14.50 -7.24 7.49
N LYS A 249 -15.65 -6.87 6.95
CA LYS A 249 -16.92 -7.45 7.36
C LYS A 249 -16.84 -8.98 7.37
N LYS A 250 -17.36 -9.61 8.41
CA LYS A 250 -17.12 -11.04 8.62
C LYS A 250 -18.15 -11.94 7.95
N ASP A 251 -19.34 -11.39 7.73
CA ASP A 251 -20.48 -12.17 7.24
C ASP A 251 -20.91 -11.69 5.85
N GLY A 252 -21.75 -12.47 5.19
CA GLY A 252 -22.25 -12.10 3.88
C GLY A 252 -21.28 -12.42 2.76
N LEU A 253 -21.58 -11.90 1.57
CA LEU A 253 -20.79 -12.23 0.40
C LEU A 253 -19.43 -11.58 0.45
N ALA A 254 -18.42 -12.35 0.08
CA ALA A 254 -17.05 -11.87 0.03
C ALA A 254 -16.91 -10.60 -0.81
N VAL A 255 -17.55 -10.58 -1.97
CA VAL A 255 -17.37 -9.46 -2.89
C VAL A 255 -17.94 -8.15 -2.30
N GLN A 256 -18.85 -8.28 -1.34
CA GLN A 256 -19.41 -7.09 -0.69
C GLN A 256 -18.65 -6.68 0.57
N ALA A 257 -17.57 -7.39 0.88
CA ALA A 257 -16.81 -7.10 2.10
C ALA A 257 -15.35 -6.75 1.83
N ILE A 258 -14.78 -7.37 0.82
CA ILE A 258 -13.33 -7.32 0.63
C ILE A 258 -13.02 -6.48 -0.59
N PRO A 259 -12.20 -5.44 -0.41
CA PRO A 259 -11.78 -4.59 -1.52
C PRO A 259 -10.89 -5.34 -2.49
N LEU A 260 -11.10 -5.04 -3.76
CA LEU A 260 -10.31 -5.59 -4.84
C LEU A 260 -9.25 -4.55 -5.20
N PHE A 261 -8.05 -4.70 -4.66
CA PHE A 261 -6.95 -3.78 -4.94
C PHE A 261 -6.13 -4.29 -6.12
N PRO A 262 -5.53 -3.37 -6.91
CA PRO A 262 -4.71 -3.81 -8.06
C PRO A 262 -3.48 -4.61 -7.63
N ASP A 263 -3.20 -5.71 -8.31
CA ASP A 263 -1.96 -6.46 -8.08
C ASP A 263 -1.77 -6.94 -6.65
N ASP A 264 -2.86 -7.40 -6.05
CA ASP A 264 -2.95 -7.89 -4.67
C ASP A 264 -3.28 -9.39 -4.79
N PRO A 265 -2.56 -10.27 -4.12
CA PRO A 265 -2.87 -11.70 -4.10
C PRO A 265 -4.31 -11.98 -3.67
OH ALY A 266 -4.34 -7.10 1.58
CH ALY A 266 -5.44 -7.58 1.73
CH3 ALY A 266 -5.96 -7.89 3.05
NZ ALY A 266 -6.17 -7.85 0.68
CE ALY A 266 -7.51 -8.36 0.70
CD ALY A 266 -7.50 -9.82 1.00
CG ALY A 266 -7.53 -10.64 -0.27
CB ALY A 266 -6.32 -10.48 -1.14
CA ALY A 266 -6.22 -11.37 -2.37
N ALY A 266 -4.84 -11.22 -2.75
C ALY A 266 -7.13 -10.98 -3.52
O ALY A 266 -8.06 -11.71 -3.82
N GLY A 267 -6.87 -9.85 -4.16
CA GLY A 267 -7.64 -9.33 -5.28
C GLY A 267 -7.72 -10.26 -6.48
N ARG A 268 -6.64 -10.92 -6.74
CA ARG A 268 -6.49 -11.88 -7.84
C ARG A 268 -7.49 -13.01 -7.69
N PHE A 269 -7.65 -13.51 -6.47
CA PHE A 269 -8.67 -14.52 -6.22
C PHE A 269 -10.07 -13.91 -6.33
N LEU A 270 -10.26 -12.75 -5.71
CA LEU A 270 -11.54 -12.05 -5.86
C LEU A 270 -11.94 -11.86 -7.33
N GLU A 271 -10.99 -11.44 -8.16
CA GLU A 271 -11.25 -11.30 -9.59
C GLU A 271 -11.78 -12.58 -10.20
N LEU A 272 -11.10 -13.68 -9.87
CA LEU A 272 -11.52 -14.98 -10.38
C LEU A 272 -12.94 -15.31 -9.97
N VAL A 273 -13.26 -15.09 -8.69
CA VAL A 273 -14.61 -15.35 -8.19
C VAL A 273 -15.65 -14.56 -8.98
N ILE A 274 -15.29 -13.34 -9.35
CA ILE A 274 -16.20 -12.47 -10.08
C ILE A 274 -16.35 -12.93 -11.53
N VAL A 275 -15.25 -13.27 -12.20
CA VAL A 275 -15.36 -13.72 -13.58
C VAL A 275 -16.01 -15.10 -13.67
N GLU A 276 -15.85 -15.93 -12.64
CA GLU A 276 -16.48 -17.24 -12.63
C GLU A 276 -17.89 -17.20 -12.05
N CYS A 277 -18.37 -15.98 -11.78
CA CYS A 277 -19.73 -15.75 -11.31
C CYS A 277 -20.08 -16.51 -10.04
N ARG A 278 -19.08 -16.67 -9.18
CA ARG A 278 -19.32 -17.29 -7.87
C ARG A 278 -19.56 -16.21 -6.82
N TYR A 279 -19.69 -14.97 -7.29
CA TYR A 279 -19.74 -13.81 -6.40
C TYR A 279 -21.07 -13.72 -5.63
N GLY A 280 -22.12 -14.32 -6.18
CA GLY A 280 -23.40 -14.35 -5.51
C GLY A 280 -23.46 -15.45 -4.47
N LYS A 281 -22.44 -16.30 -4.44
CA LYS A 281 -22.45 -17.45 -3.55
C LYS A 281 -21.38 -17.42 -2.46
N MET A 282 -20.17 -16.97 -2.79
CA MET A 282 -19.06 -17.14 -1.85
C MET A 282 -19.09 -16.14 -0.70
N THR A 283 -19.13 -16.69 0.51
CA THR A 283 -19.07 -15.89 1.72
C THR A 283 -17.67 -15.40 2.02
N VAL A 284 -17.57 -14.46 2.95
CA VAL A 284 -16.26 -14.00 3.41
C VAL A 284 -15.46 -15.19 3.96
N SER A 285 -16.09 -15.97 4.84
CA SER A 285 -15.37 -17.06 5.50
C SER A 285 -14.87 -18.06 4.46
N ARG A 286 -15.72 -18.41 3.50
CA ARG A 286 -15.32 -19.37 2.46
C ARG A 286 -14.23 -18.81 1.55
N PHE A 287 -14.28 -17.51 1.27
CA PHE A 287 -13.25 -16.85 0.50
C PHE A 287 -11.87 -17.06 1.10
N TYR A 288 -11.75 -16.74 2.39
CA TYR A 288 -10.46 -16.88 3.05
C TYR A 288 -10.05 -18.34 3.20
N GLN A 289 -11.02 -19.24 3.35
CA GLN A 289 -10.70 -20.67 3.37
C GLN A 289 -10.07 -21.10 2.06
N GLU A 290 -10.69 -20.71 0.95
CA GLU A 290 -10.20 -21.13 -0.37
C GLU A 290 -8.96 -20.38 -0.79
N LEU A 291 -8.79 -19.15 -0.28
CA LEU A 291 -7.61 -18.36 -0.57
C LEU A 291 -6.31 -19.12 -0.20
N ALA A 292 -6.39 -19.87 0.90
CA ALA A 292 -5.28 -20.66 1.38
C ALA A 292 -4.78 -21.69 0.36
N TYR A 293 -5.64 -22.12 -0.56
CA TYR A 293 -5.25 -23.16 -1.52
C TYR A 293 -4.78 -22.61 -2.88
N ARG A 294 -4.86 -21.29 -3.06
N ARG A 294 -4.85 -21.29 -3.04
CA ARG A 294 -4.39 -20.70 -4.32
CA ARG A 294 -4.35 -20.65 -4.26
C ARG A 294 -2.88 -20.93 -4.44
C ARG A 294 -2.85 -20.93 -4.42
N GLN A 295 -2.42 -21.17 -5.67
CA GLN A 295 -1.00 -21.44 -5.94
C GLN A 295 -0.07 -20.39 -5.31
N GLU A 296 -0.46 -19.13 -5.40
CA GLU A 296 0.30 -18.02 -4.86
C GLU A 296 0.56 -18.14 -3.36
N PHE A 297 -0.41 -18.69 -2.65
CA PHE A 297 -0.27 -18.88 -1.21
C PHE A 297 0.32 -20.25 -0.87
N LEU A 298 -0.25 -21.31 -1.43
CA LEU A 298 0.14 -22.66 -1.05
C LEU A 298 1.56 -23.00 -1.52
N LEU A 299 1.98 -22.42 -2.64
CA LEU A 299 3.35 -22.62 -3.11
C LEU A 299 4.25 -21.44 -2.76
N GLY A 300 3.68 -20.43 -2.11
CA GLY A 300 4.43 -19.23 -1.79
C GLY A 300 5.20 -19.35 -0.49
N ASP A 301 5.94 -18.29 -0.17
CA ASP A 301 6.79 -18.26 1.00
C ASP A 301 6.22 -17.31 2.06
N CYS A 302 5.40 -17.84 2.96
CA CYS A 302 4.80 -17.08 4.05
C CYS A 302 4.04 -15.85 3.53
N VAL A 303 3.25 -16.04 2.47
CA VAL A 303 2.46 -14.92 1.92
C VAL A 303 1.41 -14.50 2.93
N SER A 304 1.40 -13.23 3.33
CA SER A 304 0.58 -12.81 4.47
C SER A 304 -0.24 -11.56 4.18
N LEU A 305 -1.27 -11.34 5.01
CA LEU A 305 -2.20 -10.23 4.85
C LEU A 305 -2.35 -9.52 6.17
N ILE A 306 -2.04 -8.23 6.17
CA ILE A 306 -2.15 -7.38 7.36
C ILE A 306 -3.21 -6.33 7.17
N GLY A 307 -4.04 -6.11 8.19
CA GLY A 307 -4.96 -5.00 8.16
C GLY A 307 -5.03 -4.33 9.51
N CYS A 308 -5.02 -3.01 9.54
CA CYS A 308 -5.26 -2.29 10.78
C CYS A 308 -6.34 -1.24 10.59
N CYS A 309 -7.13 -1.00 11.64
CA CYS A 309 -8.18 0.01 11.61
C CYS A 309 -8.04 1.06 12.71
N LYS A 310 -8.39 2.29 12.38
CA LYS A 310 -8.57 3.33 13.38
C LYS A 310 -9.97 3.94 13.17
N GLU A 311 -10.85 3.82 14.16
CA GLU A 311 -12.23 4.29 13.99
C GLU A 311 -12.47 5.69 14.51
N ASN A 312 -13.34 6.41 13.82
CA ASN A 312 -13.87 7.70 14.28
C ASN A 312 -12.79 8.71 14.64
N LEU A 313 -11.88 8.93 13.70
CA LEU A 313 -10.86 9.93 13.85
C LEU A 313 -11.39 11.26 13.32
N GLU A 314 -11.27 12.33 14.11
CA GLU A 314 -11.69 13.66 13.62
C GLU A 314 -10.50 14.25 12.85
N VAL A 315 -10.69 14.56 11.57
CA VAL A 315 -9.58 15.09 10.74
C VAL A 315 -9.90 16.50 10.25
N THR A 316 -8.92 17.40 10.37
CA THR A 316 -9.08 18.79 9.88
C THR A 316 -8.37 18.87 8.52
N TYR A 317 -9.05 19.34 7.48
CA TYR A 317 -8.38 19.41 6.16
C TYR A 317 -7.16 20.31 6.29
N HIS A 318 -6.03 19.83 5.78
CA HIS A 318 -4.74 20.59 5.87
C HIS A 318 -4.16 20.73 4.47
N ASP A 319 -3.83 21.96 4.06
CA ASP A 319 -3.25 22.16 2.71
C ASP A 319 -1.75 21.92 2.77
N ASP A 320 -1.27 20.92 2.04
CA ASP A 320 0.18 20.61 1.95
C ASP A 320 0.48 20.54 0.45
N LEU A 321 1.28 21.48 -0.07
CA LEU A 321 1.51 21.51 -1.54
C LEU A 321 2.54 20.47 -1.96
N VAL A 322 2.09 19.46 -2.72
CA VAL A 322 3.00 18.50 -3.25
C VAL A 322 2.80 18.38 -4.75
N SER A 323 3.75 17.77 -5.41
CA SER A 323 3.67 17.59 -6.82
C SER A 323 2.50 16.67 -7.13
N THR A 324 1.56 17.12 -7.95
CA THR A 324 0.49 16.24 -8.39
C THR A 324 0.54 16.11 -9.91
N VAL A 325 0.19 14.93 -10.43
CA VAL A 325 0.28 14.67 -11.87
C VAL A 325 -0.98 14.02 -12.41
N THR A 326 -1.19 14.09 -13.72
CA THR A 326 -2.32 13.35 -14.30
C THR A 326 -2.00 11.86 -14.20
N ILE A 327 -3.02 11.03 -14.37
CA ILE A 327 -2.79 9.58 -14.36
C ILE A 327 -1.83 9.16 -15.47
N SER A 328 -1.97 9.80 -16.63
CA SER A 328 -1.11 9.48 -17.77
C SER A 328 0.35 9.79 -17.47
N GLU A 329 0.59 10.94 -16.83
CA GLU A 329 1.96 11.31 -16.41
C GLU A 329 2.52 10.29 -15.41
N TYR A 330 1.69 9.90 -14.46
CA TYR A 330 2.07 8.89 -13.48
C TYR A 330 2.44 7.59 -14.18
N LYS A 331 1.58 7.14 -15.09
CA LYS A 331 1.83 5.88 -15.76
C LYS A 331 3.07 5.97 -16.65
N GLU A 332 3.28 7.13 -17.23
CA GLU A 332 4.45 7.36 -18.09
C GLU A 332 5.74 7.17 -17.30
N PHE A 333 5.77 7.75 -16.10
CA PHE A 333 6.89 7.57 -15.18
C PHE A 333 7.10 6.09 -14.83
N MET A 334 6.01 5.40 -14.46
CA MET A 334 6.13 4.00 -14.09
C MET A 334 6.58 3.12 -15.28
N ASN A 335 6.16 3.47 -16.48
CA ASN A 335 6.59 2.74 -17.63
C ASN A 335 8.07 2.97 -17.90
N LEU A 336 8.55 4.18 -17.68
CA LEU A 336 9.95 4.46 -17.84
C LEU A 336 10.75 3.63 -16.87
N LEU A 337 10.26 3.59 -15.66
CA LEU A 337 10.87 2.83 -14.62
C LEU A 337 11.12 1.38 -14.99
N LYS A 338 10.10 0.73 -15.55
CA LYS A 338 10.20 -0.73 -15.85
C LYS A 338 11.16 -1.02 -17.00
N LEU A 339 11.61 0.01 -17.70
CA LEU A 339 12.54 -0.14 -18.78
C LEU A 339 14.00 0.16 -18.39
N VAL A 340 14.22 0.53 -17.15
CA VAL A 340 15.55 0.81 -16.68
C VAL A 340 16.18 -0.47 -16.13
N ASP A 341 17.43 -0.72 -16.46
CA ASP A 341 18.22 -1.81 -15.87
C ASP A 341 18.84 -1.34 -14.56
N PHE A 342 18.22 -1.72 -13.45
CA PHE A 342 18.67 -1.20 -12.17
C PHE A 342 19.89 -1.93 -11.63
N SER A 343 20.50 -2.78 -12.46
CA SER A 343 21.83 -3.31 -12.13
C SER A 343 22.93 -2.43 -12.72
N ASP A 344 22.52 -1.40 -13.45
CA ASP A 344 23.44 -0.58 -14.25
C ASP A 344 23.41 0.88 -13.76
N ARG A 345 24.50 1.33 -13.13
CA ARG A 345 24.60 2.69 -12.57
C ARG A 345 24.32 3.77 -13.60
N VAL A 346 24.81 3.57 -14.82
CA VAL A 346 24.59 4.52 -15.90
C VAL A 346 23.11 4.72 -16.22
N GLU A 347 22.39 3.63 -16.39
CA GLU A 347 20.97 3.73 -16.70
C GLU A 347 20.19 4.37 -15.54
N VAL A 348 20.53 3.99 -14.31
CA VAL A 348 19.86 4.53 -13.14
C VAL A 348 20.13 6.02 -13.00
N SER A 349 21.38 6.42 -13.18
CA SER A 349 21.74 7.84 -13.08
C SER A 349 21.04 8.67 -14.16
N ASN A 350 20.96 8.11 -15.37
CA ASN A 350 20.25 8.76 -16.46
C ASN A 350 18.77 8.92 -16.18
N PHE A 351 18.14 7.85 -15.66
CA PHE A 351 16.74 7.92 -15.30
C PHE A 351 16.52 9.08 -14.33
N VAL A 352 17.40 9.16 -13.32
CA VAL A 352 17.27 10.15 -12.27
C VAL A 352 17.50 11.55 -12.80
N SER A 353 18.53 11.68 -13.63
CA SER A 353 18.84 12.93 -14.32
C SER A 353 17.65 13.42 -15.14
N ASN A 354 17.06 12.50 -15.90
CA ASN A 354 15.94 12.83 -16.76
C ASN A 354 14.71 13.27 -15.97
N TYR A 355 14.52 12.65 -14.80
CA TYR A 355 13.42 13.07 -13.95
C TYR A 355 13.63 14.49 -13.43
N ARG A 356 14.84 14.79 -12.96
CA ARG A 356 15.17 16.10 -12.38
C ARG A 356 14.92 17.25 -13.35
N LYS A 357 15.27 17.04 -14.62
CA LYS A 357 15.06 18.07 -15.63
C LYS A 357 13.58 18.28 -15.89
N SER A 358 12.77 17.26 -15.60
CA SER A 358 11.30 17.33 -15.87
C SER A 358 10.64 18.30 -14.90
N LYS A 359 10.56 17.94 -13.62
CA LYS A 359 9.94 18.82 -12.59
C LYS A 359 10.37 18.35 -11.19
N1A ACO B . 23.36 -7.70 4.31
C2A ACO B . 22.85 -8.29 5.44
N3A ACO B . 21.84 -7.93 6.24
C4A ACO B . 21.26 -6.76 5.81
C5A ACO B . 21.68 -6.04 4.66
C6A ACO B . 22.76 -6.56 3.93
N6A ACO B . 23.21 -5.92 2.81
N7A ACO B . 20.90 -4.90 4.47
C8A ACO B . 20.03 -4.95 5.49
N9A ACO B . 20.20 -6.05 6.32
C1B ACO B . 19.43 -6.40 7.52
C2B ACO B . 19.27 -5.14 8.39
O2B ACO B . 20.36 -4.96 9.21
C3B ACO B . 18.06 -5.63 9.19
O3B ACO B . 18.46 -6.64 9.97
P3B ACO B . 17.84 -6.49 11.67
O7A ACO B . 16.51 -7.12 11.37
O8A ACO B . 18.83 -7.29 12.48
O9A ACO B . 17.82 -5.00 11.81
C4B ACO B . 17.20 -6.21 8.04
O4B ACO B . 18.14 -6.82 7.11
C5B ACO B . 16.44 -5.09 7.37
O5B ACO B . 17.32 -4.37 6.56
P1A ACO B . 16.54 -3.02 6.15
O1A ACO B . 17.52 -2.08 5.57
O2A ACO B . 15.56 -2.54 7.16
O3A ACO B . 15.56 -3.36 4.82
P2A ACO B . 16.29 -4.30 3.77
O4A ACO B . 17.41 -3.60 3.14
O5A ACO B . 16.35 -5.76 4.16
O6A ACO B . 15.19 -4.32 2.42
CBP ACO B . 13.17 -5.23 1.56
CCP ACO B . 13.97 -4.82 2.82
CDP ACO B . 12.07 -6.17 1.96
CEP ACO B . 12.61 -3.99 0.90
CAP ACO B . 14.17 -5.94 0.61
OAP ACO B . 14.42 -7.25 0.98
C9P ACO B . 13.62 -5.97 -0.83
O9P ACO B . 13.69 -5.01 -1.58
N8P ACO B . 13.03 -7.16 -1.26
C7P ACO B . 12.51 -7.27 -2.60
C6P ACO B . 11.18 -6.53 -2.73
C5P ACO B . 10.24 -7.09 -1.69
O5P ACO B . 10.21 -8.25 -1.34
N4P ACO B . 9.39 -6.15 -1.11
C3P ACO B . 8.45 -6.59 -0.10
C2P ACO B . 7.14 -6.95 -0.77
S1P ACO B . 5.84 -7.10 0.49
C ACO B . 4.47 -6.71 -0.54
O ACO B . 3.90 -5.63 -0.51
CH3 ACO B . 4.02 -7.79 -1.48
C1 GOL C . -7.95 6.17 -10.49
O1 GOL C . -7.60 6.99 -11.51
C2 GOL C . -6.66 5.52 -10.07
O2 GOL C . -5.51 6.24 -10.33
C3 GOL C . -6.67 4.17 -10.60
O3 GOL C . -6.30 4.50 -11.81
C1 PEG D . -1.78 14.95 -20.02
O1 PEG D . -1.25 14.54 -18.83
C2 PEG D . -2.99 15.85 -19.74
O2 PEG D . -2.54 17.13 -19.47
C3 PEG D . -2.90 18.05 -20.46
C4 PEG D . -1.64 18.45 -21.24
O4 PEG D . -1.09 17.32 -21.77
C1 PEG E . -19.30 -20.59 4.53
O1 PEG E . -18.17 -21.06 5.17
C2 PEG E . -19.58 -21.55 3.37
O2 PEG E . -20.74 -21.15 2.72
C3 PEG E . -20.58 -20.99 1.36
C4 PEG E . -19.60 -19.82 1.17
O4 PEG E . -19.44 -19.65 -0.18
#